data_6F4J
#
_entry.id   6F4J
#
_cell.length_a   65.978
_cell.length_b   53.763
_cell.length_c   75.839
_cell.angle_alpha   90.00
_cell.angle_beta   103.09
_cell.angle_gamma   90.00
#
_symmetry.space_group_name_H-M   'P 1 21 1'
#
loop_
_entity.id
_entity.type
_entity.pdbx_description
1 polymer "Probable U2 small nuclear ribonucleoprotein A'"
2 polymer 'U1 small nuclear ribonucleoprotein A'
3 non-polymer 'POLYETHYLENE GLYCOL (N=34)'
4 non-polymer 'SULFATE ION'
5 water water
#
loop_
_entity_poly.entity_id
_entity_poly.type
_entity_poly.pdbx_seq_one_letter_code
_entity_poly.pdbx_strand_id
1 'polypeptide(L)'
;MVKLTPELINQSMQYINPVRERELDLRGYKIPQIENLGATLDQFDTIDLSDNDLRKLDNLPHLPRLKTLLLNNNRILRIS
EGLEEAVPNLGSIILTGNNLQELSDLEPLVGFTKLETISLLINPVSTKPNYREYMAYKFPQLRLLDFRKIKQKDRQAAQE
FFRTKQGKDVLKEISR
;
A,B
2 'polypeptide(L)'
;GAMEMLPNQTIYINNLNEKIKKEELKKSLYAIFSQFGQILDIVALKTLKMRGQAFVIFKEIGSASNALRTMQGFPFYDKP
MQIAYSKSDSDIVAKIKG
;
C,D
#
loop_
_chem_comp.id
_chem_comp.type
_chem_comp.name
_chem_comp.formula
15P non-polymer 'POLYETHYLENE GLYCOL (N=34)' 'C69 H140 O35'
SO4 non-polymer 'SULFATE ION' 'O4 S -2'
#
# COMPACT_ATOMS: atom_id res chain seq x y z
N MET A 1 9.55 5.10 24.64
CA MET A 1 8.61 4.38 23.80
C MET A 1 8.23 3.08 24.48
N VAL A 2 6.96 2.69 24.36
CA VAL A 2 6.57 1.35 24.76
C VAL A 2 5.74 0.70 23.68
N LYS A 3 5.69 -0.63 23.70
CA LYS A 3 4.85 -1.38 22.75
C LYS A 3 3.43 -1.52 23.31
N LEU A 4 2.48 -1.80 22.43
CA LEU A 4 1.09 -2.00 22.85
C LEU A 4 1.00 -3.39 23.47
N THR A 5 0.90 -3.45 24.79
CA THR A 5 0.87 -4.70 25.54
C THR A 5 -0.39 -4.76 26.40
N PRO A 6 -0.76 -5.95 26.90
CA PRO A 6 -1.88 -6.02 27.84
C PRO A 6 -1.61 -5.20 29.10
N GLU A 7 -0.36 -5.16 29.55
CA GLU A 7 0.01 -4.35 30.72
C GLU A 7 -0.29 -2.87 30.47
N LEU A 8 0.05 -2.38 29.28
CA LEU A 8 -0.24 -0.98 28.96
C LEU A 8 -1.74 -0.71 28.97
N ILE A 9 -2.49 -1.58 28.30
CA ILE A 9 -3.95 -1.46 28.28
C ILE A 9 -4.52 -1.41 29.71
N ASN A 10 -4.07 -2.32 30.56
CA ASN A 10 -4.59 -2.40 31.92
C ASN A 10 -4.34 -1.15 32.77
N GLN A 11 -3.22 -0.47 32.55
CA GLN A 11 -2.86 0.74 33.31
CA GLN A 11 -2.92 0.73 33.34
C GLN A 11 -3.48 2.01 32.73
N SER A 12 -3.90 1.94 31.48
CA SER A 12 -4.35 3.13 30.77
C SER A 12 -5.73 3.58 31.20
N MET A 13 -6.01 4.85 30.98
CA MET A 13 -7.29 5.39 31.34
C MET A 13 -8.42 4.72 30.55
N GLN A 14 -9.44 4.27 31.26
CA GLN A 14 -10.61 3.63 30.66
C GLN A 14 -11.81 4.30 31.30
N TYR A 15 -12.58 5.02 30.49
CA TYR A 15 -13.55 5.94 31.06
C TYR A 15 -14.65 6.28 30.09
N ILE A 16 -15.69 6.91 30.59
CA ILE A 16 -16.75 7.41 29.74
C ILE A 16 -16.40 8.82 29.28
N ASN A 17 -16.33 9.01 27.96
CA ASN A 17 -15.79 10.25 27.37
C ASN A 17 -16.88 11.33 27.23
N PRO A 18 -16.50 12.53 26.75
CA PRO A 18 -17.49 13.61 26.70
C PRO A 18 -18.70 13.36 25.81
N VAL A 19 -18.60 12.39 24.91
CA VAL A 19 -19.75 12.03 24.08
C VAL A 19 -20.40 10.73 24.57
N ARG A 20 -20.09 10.40 25.82
CA ARG A 20 -20.75 9.33 26.58
CA ARG A 20 -20.72 9.33 26.61
C ARG A 20 -20.43 7.92 26.09
N GLU A 21 -19.26 7.78 25.47
CA GLU A 21 -18.83 6.48 25.01
C GLU A 21 -17.63 5.97 25.79
N ARG A 22 -17.47 4.65 25.86
CA ARG A 22 -16.39 4.08 26.62
C ARG A 22 -15.10 4.13 25.79
N GLU A 23 -14.09 4.78 26.35
CA GLU A 23 -12.89 5.07 25.62
C GLU A 23 -11.64 4.53 26.33
N LEU A 24 -10.70 4.04 25.56
CA LEU A 24 -9.36 3.63 26.03
C LEU A 24 -8.33 4.64 25.51
N ASP A 25 -7.58 5.25 26.42
CA ASP A 25 -6.58 6.25 26.08
C ASP A 25 -5.20 5.60 25.96
N LEU A 26 -4.70 5.47 24.73
CA LEU A 26 -3.35 4.97 24.49
C LEU A 26 -2.47 6.06 23.86
N ARG A 27 -2.74 7.32 24.22
CA ARG A 27 -2.10 8.45 23.56
C ARG A 27 -0.65 8.67 24.02
N GLY A 28 0.23 8.95 23.07
CA GLY A 28 1.54 9.53 23.40
C GLY A 28 2.69 8.58 23.69
N TYR A 29 2.48 7.28 23.48
CA TYR A 29 3.46 6.27 23.88
C TYR A 29 4.47 5.89 22.80
N LYS A 30 4.34 6.49 21.62
CA LYS A 30 5.16 6.15 20.44
C LYS A 30 5.06 4.64 20.09
N ILE A 31 3.88 4.08 20.30
CA ILE A 31 3.59 2.70 19.95
C ILE A 31 3.89 2.49 18.46
N PRO A 32 4.70 1.48 18.10
CA PRO A 32 5.07 1.34 16.70
C PRO A 32 4.17 0.41 15.88
N GLN A 33 3.36 -0.41 16.53
CA GLN A 33 2.56 -1.39 15.84
C GLN A 33 1.28 -1.67 16.62
N ILE A 34 0.15 -1.78 15.93
CA ILE A 34 -1.05 -2.26 16.57
C ILE A 34 -0.93 -3.77 16.88
N GLU A 35 -1.13 -4.12 18.15
CA GLU A 35 -1.10 -5.51 18.59
C GLU A 35 -1.73 -5.60 19.97
N ASN A 36 -2.11 -6.81 20.38
CA ASN A 36 -2.67 -7.09 21.69
C ASN A 36 -4.02 -6.43 22.00
N LEU A 37 -4.70 -5.91 20.97
CA LEU A 37 -5.98 -5.26 21.24
C LEU A 37 -7.06 -6.25 21.67
N GLY A 38 -6.84 -7.54 21.45
CA GLY A 38 -7.78 -8.51 21.95
C GLY A 38 -7.93 -8.43 23.46
N ALA A 39 -6.88 -7.96 24.14
CA ALA A 39 -6.87 -7.84 25.59
C ALA A 39 -7.87 -6.80 26.11
N THR A 40 -8.39 -5.96 25.20
CA THR A 40 -9.48 -5.05 25.56
C THR A 40 -10.80 -5.76 25.79
N LEU A 41 -10.89 -7.02 25.37
CA LEU A 41 -12.12 -7.80 25.53
C LEU A 41 -13.37 -7.09 25.01
N ASP A 42 -13.18 -6.28 23.96
CA ASP A 42 -14.29 -5.61 23.26
C ASP A 42 -15.04 -4.64 24.19
N GLN A 43 -14.34 -4.07 25.16
CA GLN A 43 -14.99 -3.20 26.14
C GLN A 43 -15.26 -1.80 25.63
N PHE A 44 -14.59 -1.41 24.55
CA PHE A 44 -14.55 0.01 24.16
C PHE A 44 -15.34 0.38 22.90
N ASP A 45 -16.05 1.50 22.98
CA ASP A 45 -16.63 2.16 21.81
C ASP A 45 -15.56 2.91 21.01
N THR A 46 -14.56 3.43 21.71
CA THR A 46 -13.56 4.31 21.09
C THR A 46 -12.19 3.94 21.61
N ILE A 47 -11.23 3.85 20.69
CA ILE A 47 -9.84 3.63 21.07
C ILE A 47 -9.03 4.80 20.53
N ASP A 48 -8.27 5.43 21.42
CA ASP A 48 -7.49 6.62 21.06
C ASP A 48 -6.00 6.29 21.03
N LEU A 49 -5.49 6.20 19.79
CA LEU A 49 -4.09 5.89 19.53
C LEU A 49 -3.35 7.13 19.00
N SER A 50 -3.85 8.31 19.33
CA SER A 50 -3.21 9.55 18.89
C SER A 50 -1.76 9.62 19.41
N ASP A 51 -0.91 10.31 18.66
CA ASP A 51 0.45 10.61 19.10
C ASP A 51 1.26 9.36 19.35
N ASN A 52 1.12 8.39 18.45
CA ASN A 52 2.02 7.23 18.48
C ASN A 52 2.87 7.19 17.22
N ASP A 53 3.42 6.02 16.90
CA ASP A 53 4.41 5.92 15.83
C ASP A 53 3.97 4.89 14.78
N LEU A 54 2.67 4.76 14.59
CA LEU A 54 2.16 3.75 13.67
C LEU A 54 2.47 4.10 12.23
N ARG A 55 2.91 3.11 11.46
CA ARG A 55 3.08 3.27 10.02
C ARG A 55 1.98 2.58 9.24
N LYS A 56 1.29 1.66 9.89
CA LYS A 56 0.23 0.90 9.23
C LYS A 56 -0.99 0.85 10.15
N LEU A 57 -2.18 0.97 9.56
CA LEU A 57 -3.41 0.61 10.24
C LEU A 57 -3.73 -0.84 9.88
N ASP A 58 -3.45 -1.74 10.81
CA ASP A 58 -3.57 -3.17 10.55
C ASP A 58 -3.76 -3.97 11.83
N ASN A 59 -3.88 -5.27 11.70
CA ASN A 59 -3.81 -6.21 12.82
C ASN A 59 -4.88 -5.95 13.90
N LEU A 60 -6.10 -5.66 13.49
CA LEU A 60 -7.20 -5.52 14.43
CA LEU A 60 -7.22 -5.51 14.43
C LEU A 60 -7.89 -6.86 14.64
N PRO A 61 -8.17 -7.21 15.90
CA PRO A 61 -8.92 -8.41 16.26
C PRO A 61 -10.42 -8.14 16.15
N HIS A 62 -11.26 -9.16 16.30
CA HIS A 62 -12.69 -8.92 16.28
C HIS A 62 -13.13 -8.08 17.48
N LEU A 63 -13.67 -6.89 17.17
CA LEU A 63 -14.13 -5.95 18.20
C LEU A 63 -15.42 -5.31 17.73
N PRO A 64 -16.55 -6.03 17.91
CA PRO A 64 -17.83 -5.55 17.39
C PRO A 64 -18.29 -4.23 18.01
N ARG A 65 -17.79 -3.90 19.20
CA ARG A 65 -18.26 -2.71 19.87
C ARG A 65 -17.58 -1.44 19.33
N LEU A 66 -16.44 -1.60 18.67
CA LEU A 66 -15.65 -0.44 18.28
C LEU A 66 -16.35 0.39 17.23
N LYS A 67 -16.56 1.68 17.52
CA LYS A 67 -17.24 2.58 16.60
C LYS A 67 -16.38 3.78 16.19
N THR A 68 -15.36 4.13 16.98
CA THR A 68 -14.51 5.28 16.64
C THR A 68 -13.06 4.93 16.86
N LEU A 69 -12.21 5.23 15.88
CA LEU A 69 -10.77 5.03 16.01
C LEU A 69 -10.11 6.37 15.86
N LEU A 70 -9.40 6.81 16.90
CA LEU A 70 -8.68 8.07 16.82
C LEU A 70 -7.20 7.79 16.56
N LEU A 71 -6.70 8.26 15.42
CA LEU A 71 -5.34 7.93 14.97
C LEU A 71 -4.53 9.19 14.66
N ASN A 72 -4.87 10.31 15.32
CA ASN A 72 -4.20 11.57 15.07
C ASN A 72 -2.68 11.47 15.21
N ASN A 73 -1.95 12.10 14.29
CA ASN A 73 -0.52 12.29 14.50
C ASN A 73 0.27 11.01 14.71
N ASN A 74 0.10 10.09 13.77
CA ASN A 74 0.98 8.95 13.64
CA ASN A 74 0.97 8.95 13.64
C ASN A 74 1.73 9.14 12.34
N ARG A 75 2.21 8.05 11.73
CA ARG A 75 2.94 8.15 10.46
CA ARG A 75 2.96 8.12 10.48
C ARG A 75 2.34 7.15 9.47
N ILE A 76 1.03 6.98 9.54
CA ILE A 76 0.38 5.92 8.76
C ILE A 76 0.44 6.16 7.25
N LEU A 77 0.94 5.16 6.52
CA LEU A 77 1.00 5.27 5.05
C LEU A 77 0.30 4.15 4.32
N ARG A 78 -0.25 3.21 5.08
CA ARG A 78 -0.92 2.04 4.51
C ARG A 78 -2.02 1.55 5.44
N ILE A 79 -3.15 1.16 4.87
CA ILE A 79 -4.25 0.57 5.59
C ILE A 79 -4.44 -0.85 5.08
N SER A 80 -4.51 -1.84 5.97
CA SER A 80 -4.67 -3.21 5.52
CA SER A 80 -4.69 -3.22 5.58
CA SER A 80 -4.69 -3.22 5.54
C SER A 80 -6.08 -3.44 4.99
N GLU A 81 -6.21 -4.41 4.08
CA GLU A 81 -7.50 -4.78 3.53
C GLU A 81 -8.29 -5.63 4.51
N GLY A 82 -9.62 -5.56 4.39
CA GLY A 82 -10.53 -6.43 5.10
C GLY A 82 -10.72 -6.12 6.58
N LEU A 83 -10.39 -4.91 7.01
CA LEU A 83 -10.57 -4.57 8.42
C LEU A 83 -12.03 -4.53 8.84
N GLU A 84 -12.95 -4.44 7.89
CA GLU A 84 -14.38 -4.47 8.23
C GLU A 84 -14.79 -5.83 8.78
N GLU A 85 -13.98 -6.86 8.54
CA GLU A 85 -14.25 -8.17 9.13
C GLU A 85 -13.95 -8.15 10.62
N ALA A 86 -13.06 -7.25 11.04
CA ALA A 86 -12.66 -7.16 12.45
C ALA A 86 -13.50 -6.15 13.21
N VAL A 87 -13.71 -4.98 12.61
CA VAL A 87 -14.45 -3.91 13.26
C VAL A 87 -15.59 -3.39 12.36
N PRO A 88 -16.60 -4.24 12.14
CA PRO A 88 -17.64 -3.92 11.14
C PRO A 88 -18.47 -2.71 11.50
N ASN A 89 -18.48 -2.30 12.77
CA ASN A 89 -19.32 -1.19 13.16
C ASN A 89 -18.60 0.15 13.25
N LEU A 90 -17.41 0.22 12.66
CA LEU A 90 -16.65 1.45 12.71
C LEU A 90 -17.43 2.56 12.02
N GLY A 91 -17.69 3.64 12.76
CA GLY A 91 -18.46 4.77 12.26
C GLY A 91 -17.63 6.00 11.94
N SER A 92 -16.48 6.12 12.59
CA SER A 92 -15.63 7.27 12.41
CA SER A 92 -15.61 7.30 12.46
C SER A 92 -14.18 6.87 12.48
N ILE A 93 -13.41 7.31 11.50
CA ILE A 93 -11.97 7.10 11.52
CA ILE A 93 -11.97 7.10 11.49
C ILE A 93 -11.25 8.43 11.36
N ILE A 94 -10.49 8.79 12.38
CA ILE A 94 -9.86 10.09 12.41
C ILE A 94 -8.38 9.93 12.16
N LEU A 95 -7.97 10.21 10.92
CA LEU A 95 -6.59 10.00 10.49
C LEU A 95 -5.82 11.29 10.30
N THR A 96 -6.32 12.36 10.92
CA THR A 96 -5.63 13.66 10.88
C THR A 96 -4.14 13.50 11.18
N GLY A 97 -3.28 14.13 10.37
CA GLY A 97 -1.85 14.15 10.66
C GLY A 97 -1.17 12.82 10.40
N ASN A 98 -1.44 12.22 9.24
CA ASN A 98 -0.76 11.01 8.84
C ASN A 98 -0.12 11.16 7.46
N ASN A 99 0.29 10.05 6.86
CA ASN A 99 1.08 10.08 5.63
CA ASN A 99 1.06 10.12 5.62
C ASN A 99 0.44 9.34 4.46
N LEU A 100 -0.88 9.33 4.41
CA LEU A 100 -1.56 8.67 3.30
C LEU A 100 -1.46 9.56 2.07
N GLN A 101 -0.92 9.02 0.97
CA GLN A 101 -0.45 9.82 -0.16
C GLN A 101 -1.43 9.93 -1.34
N GLU A 102 -2.04 8.82 -1.74
CA GLU A 102 -2.81 8.77 -2.97
C GLU A 102 -4.23 8.30 -2.71
N LEU A 103 -5.15 8.65 -3.60
CA LEU A 103 -6.53 8.21 -3.45
C LEU A 103 -6.62 6.69 -3.42
N SER A 104 -5.80 6.00 -4.22
CA SER A 104 -5.79 4.54 -4.22
C SER A 104 -5.44 3.92 -2.85
N ASP A 105 -4.75 4.69 -1.99
CA ASP A 105 -4.40 4.21 -0.66
C ASP A 105 -5.63 4.14 0.26
N LEU A 106 -6.73 4.74 -0.17
CA LEU A 106 -7.95 4.72 0.63
C LEU A 106 -8.88 3.58 0.28
N GLU A 107 -8.57 2.85 -0.80
CA GLU A 107 -9.42 1.74 -1.19
C GLU A 107 -9.74 0.71 -0.10
N PRO A 108 -8.77 0.40 0.80
CA PRO A 108 -9.11 -0.55 1.86
C PRO A 108 -10.27 -0.14 2.77
N LEU A 109 -10.70 1.12 2.76
CA LEU A 109 -11.81 1.54 3.60
C LEU A 109 -13.18 1.31 2.97
N VAL A 110 -13.22 0.94 1.69
CA VAL A 110 -14.51 0.90 0.99
CA VAL A 110 -14.50 0.91 0.99
C VAL A 110 -15.48 -0.11 1.58
N GLY A 111 -14.95 -1.20 2.14
CA GLY A 111 -15.79 -2.24 2.70
C GLY A 111 -16.57 -1.93 3.95
N PHE A 112 -16.21 -0.86 4.66
CA PHE A 112 -16.95 -0.50 5.87
C PHE A 112 -18.35 -0.03 5.54
N THR A 113 -19.36 -0.69 6.13
CA THR A 113 -20.72 -0.43 5.72
C THR A 113 -21.37 0.72 6.49
N LYS A 114 -20.79 1.12 7.61
CA LYS A 114 -21.40 2.22 8.36
C LYS A 114 -20.41 3.31 8.72
N LEU A 115 -19.38 3.45 7.90
CA LEU A 115 -18.37 4.47 8.10
C LEU A 115 -18.90 5.81 7.60
N GLU A 116 -19.28 6.69 8.52
CA GLU A 116 -19.94 7.94 8.13
C GLU A 116 -19.05 9.17 8.26
N THR A 117 -17.98 9.07 9.04
CA THR A 117 -17.08 10.20 9.23
C THR A 117 -15.63 9.81 9.00
N ILE A 118 -14.94 10.56 8.14
CA ILE A 118 -13.51 10.37 7.93
C ILE A 118 -12.80 11.72 8.05
N SER A 119 -11.64 11.73 8.73
CA SER A 119 -10.74 12.86 8.59
C SER A 119 -9.40 12.41 8.02
N LEU A 120 -9.03 13.07 6.93
CA LEU A 120 -7.70 12.92 6.35
C LEU A 120 -6.99 14.27 6.29
N LEU A 121 -7.37 15.18 7.19
CA LEU A 121 -6.67 16.45 7.29
C LEU A 121 -5.17 16.22 7.51
N ILE A 122 -4.35 17.11 6.95
CA ILE A 122 -2.90 17.01 7.07
CA ILE A 122 -2.90 17.01 7.08
C ILE A 122 -2.38 15.61 6.68
N ASN A 123 -2.93 15.10 5.58
CA ASN A 123 -2.39 13.96 4.83
C ASN A 123 -2.30 14.46 3.41
N PRO A 124 -1.28 14.02 2.66
CA PRO A 124 -1.13 14.53 1.29
C PRO A 124 -2.32 14.21 0.39
N VAL A 125 -3.02 13.11 0.65
CA VAL A 125 -4.15 12.72 -0.18
C VAL A 125 -5.27 13.76 -0.20
N SER A 126 -5.44 14.49 0.91
CA SER A 126 -6.56 15.42 1.01
C SER A 126 -6.38 16.70 0.19
N THR A 127 -5.25 16.84 -0.47
CA THR A 127 -5.05 17.97 -1.39
C THR A 127 -4.90 17.52 -2.84
N LYS A 128 -5.18 16.24 -3.10
CA LYS A 128 -5.11 15.73 -4.46
C LYS A 128 -6.30 16.22 -5.27
N PRO A 129 -6.14 16.33 -6.59
CA PRO A 129 -7.26 16.71 -7.44
C PRO A 129 -8.43 15.72 -7.29
N ASN A 130 -9.66 16.23 -7.37
CA ASN A 130 -10.88 15.40 -7.33
C ASN A 130 -11.11 14.66 -6.01
N TYR A 131 -10.42 15.07 -4.95
CA TYR A 131 -10.53 14.42 -3.64
C TYR A 131 -11.96 14.29 -3.12
N ARG A 132 -12.65 15.42 -2.93
CA ARG A 132 -13.99 15.36 -2.36
C ARG A 132 -14.97 14.61 -3.25
N GLU A 133 -14.87 14.82 -4.57
CA GLU A 133 -15.73 14.15 -5.55
C GLU A 133 -15.50 12.63 -5.52
N TYR A 134 -14.24 12.22 -5.51
CA TYR A 134 -13.88 10.82 -5.46
C TYR A 134 -14.40 10.17 -4.19
N MET A 135 -14.25 10.86 -3.06
CA MET A 135 -14.71 10.29 -1.81
C MET A 135 -16.22 10.09 -1.83
N ALA A 136 -16.95 11.06 -2.39
CA ALA A 136 -18.42 10.96 -2.43
C ALA A 136 -18.86 9.78 -3.29
N TYR A 137 -18.09 9.51 -4.33
CA TYR A 137 -18.43 8.48 -5.30
C TYR A 137 -18.02 7.10 -4.80
N LYS A 138 -16.85 7.03 -4.19
CA LYS A 138 -16.30 5.74 -3.75
C LYS A 138 -16.87 5.31 -2.42
N PHE A 139 -17.32 6.28 -1.63
CA PHE A 139 -17.87 6.01 -0.30
C PHE A 139 -19.29 6.60 -0.19
N PRO A 140 -20.27 5.94 -0.81
CA PRO A 140 -21.61 6.52 -0.94
C PRO A 140 -22.32 6.74 0.39
N GLN A 141 -21.92 6.02 1.44
CA GLN A 141 -22.51 6.11 2.77
CA GLN A 141 -22.64 6.25 2.69
C GLN A 141 -21.90 7.21 3.63
N LEU A 142 -20.79 7.76 3.15
CA LEU A 142 -20.04 8.74 3.91
C LEU A 142 -20.85 10.03 4.05
N ARG A 143 -20.82 10.63 5.23
CA ARG A 143 -21.61 11.83 5.49
C ARG A 143 -20.76 13.07 5.76
N LEU A 144 -19.60 12.85 6.39
CA LEU A 144 -18.78 13.97 6.84
C LEU A 144 -17.33 13.66 6.48
N LEU A 145 -16.73 14.57 5.72
CA LEU A 145 -15.36 14.39 5.23
C LEU A 145 -14.58 15.64 5.61
N ASP A 146 -13.57 15.48 6.46
CA ASP A 146 -12.75 16.60 6.93
C ASP A 146 -13.64 17.71 7.50
N PHE A 147 -14.69 17.28 8.18
CA PHE A 147 -15.60 18.16 8.92
C PHE A 147 -16.38 19.12 8.05
N ARG A 148 -16.55 18.75 6.78
CA ARG A 148 -17.50 19.37 5.86
C ARG A 148 -18.46 18.30 5.36
N LYS A 149 -19.75 18.60 5.37
CA LYS A 149 -20.74 17.61 4.97
C LYS A 149 -20.65 17.27 3.49
N ILE A 150 -20.85 16.00 3.17
CA ILE A 150 -21.14 15.60 1.80
CA ILE A 150 -21.13 15.63 1.79
C ILE A 150 -22.63 15.81 1.59
N LYS A 151 -22.99 16.91 0.92
CA LYS A 151 -24.40 17.25 0.74
C LYS A 151 -25.06 16.48 -0.38
N GLN A 152 -26.40 16.49 -0.40
CA GLN A 152 -27.15 15.76 -1.44
C GLN A 152 -26.71 16.19 -2.83
N LYS A 153 -26.51 17.49 -3.01
CA LYS A 153 -26.10 18.02 -4.31
C LYS A 153 -24.70 17.55 -4.66
N ASP A 154 -23.86 17.38 -3.65
CA ASP A 154 -22.50 16.90 -3.82
C ASP A 154 -22.51 15.44 -4.29
N ARG A 155 -23.39 14.63 -3.67
CA ARG A 155 -23.53 13.22 -4.04
CA ARG A 155 -23.55 13.22 -4.04
C ARG A 155 -23.94 13.09 -5.50
N GLN A 156 -25.01 13.79 -5.87
CA GLN A 156 -25.54 13.75 -7.22
C GLN A 156 -24.51 14.20 -8.23
N ALA A 157 -23.81 15.29 -7.94
CA ALA A 157 -22.84 15.83 -8.87
C ALA A 157 -21.71 14.86 -9.11
N ALA A 158 -21.23 14.22 -8.05
CA ALA A 158 -20.14 13.27 -8.17
C ALA A 158 -20.56 12.09 -9.03
N GLN A 159 -21.76 11.57 -8.77
CA GLN A 159 -22.29 10.44 -9.55
C GLN A 159 -22.41 10.79 -11.04
N GLU A 160 -22.95 11.96 -11.33
CA GLU A 160 -23.12 12.40 -12.72
C GLU A 160 -21.77 12.61 -13.40
N PHE A 161 -20.82 13.17 -12.66
CA PHE A 161 -19.49 13.41 -13.20
C PHE A 161 -18.79 12.11 -13.59
N PHE A 162 -18.82 11.13 -12.70
CA PHE A 162 -18.10 9.89 -12.97
C PHE A 162 -18.82 8.99 -13.99
N ARG A 163 -20.01 9.40 -14.39
CA ARG A 163 -20.77 8.69 -15.42
CA ARG A 163 -20.75 8.67 -15.42
C ARG A 163 -20.30 9.14 -16.80
N THR A 164 -19.74 10.35 -16.85
CA THR A 164 -19.30 10.91 -18.13
C THR A 164 -18.01 10.24 -18.60
N LYS A 165 -17.70 10.38 -19.88
CA LYS A 165 -16.47 9.79 -20.40
C LYS A 165 -15.25 10.44 -19.76
N GLN A 166 -15.30 11.76 -19.61
CA GLN A 166 -14.22 12.50 -18.97
C GLN A 166 -14.04 12.04 -17.52
N GLY A 167 -15.15 11.80 -16.82
CA GLY A 167 -15.11 11.36 -15.44
C GLY A 167 -14.54 9.96 -15.31
N LYS A 168 -14.87 9.11 -16.27
CA LYS A 168 -14.37 7.74 -16.26
C LYS A 168 -12.86 7.71 -16.46
N ASP A 169 -12.35 8.64 -17.24
CA ASP A 169 -10.91 8.74 -17.47
C ASP A 169 -10.19 9.20 -16.21
N VAL A 170 -10.81 10.13 -15.49
CA VAL A 170 -10.28 10.56 -14.20
C VAL A 170 -10.16 9.36 -13.27
N LEU A 171 -11.21 8.55 -13.20
CA LEU A 171 -11.22 7.37 -12.36
C LEU A 171 -10.13 6.39 -12.77
N LYS A 172 -9.95 6.25 -14.07
CA LYS A 172 -8.99 5.29 -14.60
C LYS A 172 -7.59 5.66 -14.15
N GLU A 173 -7.28 6.95 -14.17
CA GLU A 173 -5.94 7.41 -13.82
C GLU A 173 -5.72 7.41 -12.30
N ILE A 174 -6.80 7.58 -11.54
CA ILE A 174 -6.74 7.48 -10.09
C ILE A 174 -6.24 6.09 -9.66
N SER A 175 -6.65 5.06 -10.39
CA SER A 175 -6.17 3.71 -10.12
C SER A 175 -4.67 3.61 -10.36
N MET B 1 -10.69 -8.92 -22.95
CA MET B 1 -10.31 -9.21 -21.56
C MET B 1 -11.08 -10.43 -21.06
N VAL B 2 -10.39 -11.30 -20.32
CA VAL B 2 -11.09 -12.36 -19.60
C VAL B 2 -10.61 -12.42 -18.17
N LYS B 3 -11.49 -12.88 -17.29
CA LYS B 3 -11.11 -13.07 -15.89
C LYS B 3 -10.41 -14.41 -15.68
N LEU B 4 -9.68 -14.53 -14.58
CA LEU B 4 -9.00 -15.77 -14.25
C LEU B 4 -10.02 -16.77 -13.68
N THR B 5 -10.39 -17.77 -14.47
CA THR B 5 -11.38 -18.76 -14.07
C THR B 5 -10.78 -20.16 -14.22
N PRO B 6 -11.40 -21.19 -13.60
CA PRO B 6 -10.92 -22.56 -13.85
C PRO B 6 -10.95 -22.94 -15.32
N GLU B 7 -11.96 -22.47 -16.05
CA GLU B 7 -12.04 -22.71 -17.49
C GLU B 7 -10.83 -22.13 -18.23
N LEU B 8 -10.43 -20.91 -17.88
CA LEU B 8 -9.27 -20.30 -18.51
C LEU B 8 -8.05 -21.16 -18.24
N ILE B 9 -7.87 -21.55 -16.98
CA ILE B 9 -6.75 -22.40 -16.59
C ILE B 9 -6.74 -23.71 -17.40
N ASN B 10 -7.91 -24.35 -17.54
CA ASN B 10 -8.02 -25.63 -18.23
C ASN B 10 -7.60 -25.56 -19.69
N GLN B 11 -7.89 -24.44 -20.35
CA GLN B 11 -7.59 -24.31 -21.78
C GLN B 11 -6.20 -23.77 -22.05
N SER B 12 -5.55 -23.26 -21.02
CA SER B 12 -4.26 -22.63 -21.18
C SER B 12 -3.16 -23.65 -21.28
N MET B 13 -2.05 -23.23 -21.87
CA MET B 13 -0.90 -24.10 -22.03
C MET B 13 -0.35 -24.54 -20.66
N GLN B 14 -0.19 -25.85 -20.49
CA GLN B 14 0.35 -26.45 -19.28
C GLN B 14 1.42 -27.41 -19.73
N TYR B 15 2.67 -27.15 -19.39
CA TYR B 15 3.75 -27.81 -20.10
C TYR B 15 5.09 -27.69 -19.39
N ILE B 16 6.05 -28.51 -19.79
CA ILE B 16 7.40 -28.41 -19.25
C ILE B 16 8.16 -27.38 -20.05
N ASN B 17 8.58 -26.32 -19.35
CA ASN B 17 9.20 -25.17 -20.01
C ASN B 17 10.69 -25.41 -20.30
N PRO B 18 11.38 -24.44 -20.93
CA PRO B 18 12.75 -24.75 -21.33
C PRO B 18 13.75 -24.86 -20.18
N VAL B 19 13.33 -24.54 -18.97
CA VAL B 19 14.21 -24.73 -17.82
C VAL B 19 13.73 -25.86 -16.92
N ARG B 20 12.98 -26.79 -17.52
CA ARG B 20 12.56 -28.02 -16.82
CA ARG B 20 12.50 -28.01 -16.85
C ARG B 20 11.62 -27.75 -15.64
N GLU B 21 10.72 -26.79 -15.77
CA GLU B 21 9.74 -26.47 -14.74
C GLU B 21 8.35 -26.64 -15.36
N ARG B 22 7.39 -27.14 -14.60
CA ARG B 22 6.03 -27.22 -15.12
CA ARG B 22 6.04 -27.23 -15.12
C ARG B 22 5.39 -25.85 -15.00
N GLU B 23 4.96 -25.31 -16.14
CA GLU B 23 4.50 -23.93 -16.26
C GLU B 23 3.07 -23.82 -16.75
N LEU B 24 2.35 -22.86 -16.18
CA LEU B 24 1.03 -22.48 -16.65
C LEU B 24 1.10 -21.12 -17.33
N ASP B 25 0.68 -21.05 -18.58
CA ASP B 25 0.74 -19.81 -19.37
C ASP B 25 -0.60 -19.08 -19.36
N LEU B 26 -0.67 -17.98 -18.59
CA LEU B 26 -1.86 -17.11 -18.54
C LEU B 26 -1.53 -15.75 -19.14
N ARG B 27 -0.65 -15.72 -20.13
CA ARG B 27 -0.17 -14.45 -20.68
C ARG B 27 -1.17 -13.75 -21.60
N GLY B 28 -1.34 -12.46 -21.43
CA GLY B 28 -1.98 -11.64 -22.46
C GLY B 28 -3.48 -11.46 -22.39
N TYR B 29 -4.09 -11.93 -21.30
CA TYR B 29 -5.54 -11.93 -21.20
C TYR B 29 -6.16 -10.67 -20.58
N LYS B 30 -5.32 -9.73 -20.18
CA LYS B 30 -5.79 -8.55 -19.43
C LYS B 30 -6.56 -8.94 -18.15
N ILE B 31 -6.13 -10.01 -17.50
CA ILE B 31 -6.74 -10.45 -16.24
C ILE B 31 -6.64 -9.33 -15.21
N PRO B 32 -7.77 -8.97 -14.58
CA PRO B 32 -7.71 -7.79 -13.69
C PRO B 32 -7.40 -8.13 -12.23
N GLN B 33 -7.55 -9.39 -11.86
CA GLN B 33 -7.42 -9.81 -10.47
C GLN B 33 -6.95 -11.24 -10.39
N ILE B 34 -6.01 -11.53 -9.51
CA ILE B 34 -5.65 -12.92 -9.24
C ILE B 34 -6.77 -13.59 -8.45
N GLU B 35 -7.28 -14.69 -8.98
CA GLU B 35 -8.33 -15.44 -8.30
C GLU B 35 -8.38 -16.83 -8.92
N ASN B 36 -9.01 -17.75 -8.20
CA ASN B 36 -9.24 -19.12 -8.64
C ASN B 36 -7.99 -19.95 -8.88
N LEU B 37 -6.85 -19.53 -8.36
CA LEU B 37 -5.63 -20.31 -8.58
C LEU B 37 -5.64 -21.67 -7.86
N GLY B 38 -6.58 -21.85 -6.93
CA GLY B 38 -6.76 -23.15 -6.29
C GLY B 38 -7.09 -24.25 -7.31
N ALA B 39 -7.68 -23.85 -8.44
CA ALA B 39 -8.04 -24.80 -9.49
C ALA B 39 -6.81 -25.38 -10.19
N THR B 40 -5.63 -24.81 -9.93
CA THR B 40 -4.39 -25.36 -10.50
C THR B 40 -3.95 -26.64 -9.76
N LEU B 41 -4.55 -26.89 -8.60
CA LEU B 41 -4.22 -28.06 -7.79
C LEU B 41 -2.73 -28.16 -7.42
N ASP B 42 -2.06 -27.02 -7.31
CA ASP B 42 -0.64 -26.99 -6.94
C ASP B 42 0.21 -27.84 -7.89
N GLN B 43 -0.19 -27.87 -9.16
CA GLN B 43 0.57 -28.64 -10.16
C GLN B 43 1.78 -27.91 -10.75
N PHE B 44 1.89 -26.60 -10.52
CA PHE B 44 2.88 -25.81 -11.25
C PHE B 44 4.07 -25.33 -10.45
N ASP B 45 5.25 -25.41 -11.07
CA ASP B 45 6.46 -24.80 -10.53
C ASP B 45 6.48 -23.32 -10.85
N THR B 46 5.89 -22.94 -11.97
CA THR B 46 5.95 -21.58 -12.48
C THR B 46 4.60 -21.17 -13.02
N ILE B 47 4.15 -19.97 -12.67
CA ILE B 47 2.92 -19.42 -13.24
C ILE B 47 3.28 -18.13 -13.94
N ASP B 48 2.87 -18.01 -15.21
CA ASP B 48 3.21 -16.87 -16.02
C ASP B 48 1.98 -16.00 -16.23
N LEU B 49 1.92 -14.90 -15.48
CA LEU B 49 0.84 -13.91 -15.59
C LEU B 49 1.27 -12.63 -16.30
N SER B 50 2.27 -12.73 -17.18
CA SER B 50 2.73 -11.56 -17.94
C SER B 50 1.61 -10.98 -18.82
N ASP B 51 1.70 -9.68 -19.07
CA ASP B 51 0.80 -9.00 -19.99
C ASP B 51 -0.66 -9.12 -19.56
N ASN B 52 -0.90 -8.90 -18.28
CA ASN B 52 -2.27 -8.81 -17.78
C ASN B 52 -2.55 -7.42 -17.22
N ASP B 53 -3.59 -7.28 -16.43
CA ASP B 53 -4.01 -5.96 -15.95
C ASP B 53 -4.04 -5.95 -14.42
N LEU B 54 -3.16 -6.71 -13.80
CA LEU B 54 -3.15 -6.78 -12.33
C LEU B 54 -2.71 -5.45 -11.72
N ARG B 55 -3.43 -5.00 -10.69
CA ARG B 55 -3.02 -3.83 -9.89
C ARG B 55 -2.43 -4.25 -8.57
N LYS B 56 -2.74 -5.47 -8.15
CA LYS B 56 -2.25 -5.94 -6.86
C LYS B 56 -1.70 -7.36 -7.01
N LEU B 57 -0.66 -7.67 -6.25
CA LEU B 57 -0.25 -9.05 -6.08
C LEU B 57 -0.86 -9.52 -4.76
N ASP B 58 -1.91 -10.31 -4.86
CA ASP B 58 -2.69 -10.70 -3.69
C ASP B 58 -3.44 -12.00 -3.96
N ASN B 59 -4.18 -12.47 -2.98
CA ASN B 59 -5.13 -13.56 -3.16
C ASN B 59 -4.52 -14.85 -3.72
N LEU B 60 -3.38 -15.26 -3.17
CA LEU B 60 -2.77 -16.54 -3.52
C LEU B 60 -3.23 -17.63 -2.56
N PRO B 61 -3.66 -18.78 -3.10
CA PRO B 61 -3.99 -19.94 -2.28
C PRO B 61 -2.71 -20.68 -1.86
N HIS B 62 -2.81 -21.70 -1.03
CA HIS B 62 -1.63 -22.45 -0.61
CA HIS B 62 -1.63 -22.45 -0.62
C HIS B 62 -1.11 -23.29 -1.78
N LEU B 63 0.06 -22.92 -2.28
CA LEU B 63 0.70 -23.55 -3.43
C LEU B 63 2.17 -23.79 -3.10
N PRO B 64 2.46 -24.82 -2.30
CA PRO B 64 3.84 -25.06 -1.88
C PRO B 64 4.77 -25.43 -3.04
N ARG B 65 4.23 -25.86 -4.17
CA ARG B 65 5.09 -26.18 -5.30
C ARG B 65 5.59 -24.93 -6.05
N LEU B 66 4.88 -23.82 -5.89
CA LEU B 66 5.19 -22.65 -6.70
C LEU B 66 6.54 -22.04 -6.36
N LYS B 67 7.43 -21.98 -7.34
CA LYS B 67 8.75 -21.43 -7.13
C LYS B 67 9.08 -20.19 -7.95
N THR B 68 8.36 -19.94 -9.05
CA THR B 68 8.62 -18.78 -9.88
C THR B 68 7.31 -18.15 -10.28
N LEU B 69 7.19 -16.84 -10.07
CA LEU B 69 6.01 -16.11 -10.49
C LEU B 69 6.45 -15.05 -11.50
N LEU B 70 5.96 -15.15 -12.75
CA LEU B 70 6.28 -14.17 -13.78
C LEU B 70 5.13 -13.18 -13.90
N LEU B 71 5.40 -11.89 -13.66
CA LEU B 71 4.38 -10.85 -13.58
C LEU B 71 4.72 -9.65 -14.48
N ASN B 72 5.50 -9.90 -15.52
CA ASN B 72 5.93 -8.84 -16.44
C ASN B 72 4.75 -8.02 -16.96
N ASN B 73 4.92 -6.71 -17.00
CA ASN B 73 3.99 -5.84 -17.73
C ASN B 73 2.55 -5.99 -17.26
N ASN B 74 2.38 -5.77 -15.96
CA ASN B 74 1.06 -5.57 -15.40
C ASN B 74 1.02 -4.12 -14.92
N ARG B 75 0.15 -3.79 -13.95
CA ARG B 75 0.04 -2.45 -13.40
CA ARG B 75 0.13 -2.44 -13.40
C ARG B 75 0.18 -2.52 -11.88
N ILE B 76 0.97 -3.46 -11.38
CA ILE B 76 0.99 -3.73 -9.95
C ILE B 76 1.58 -2.57 -9.14
N LEU B 77 0.81 -2.09 -8.16
CA LEU B 77 1.27 -1.00 -7.29
C LEU B 77 1.23 -1.36 -5.82
N ARG B 78 0.79 -2.58 -5.50
CA ARG B 78 0.69 -3.00 -4.10
C ARG B 78 0.84 -4.51 -4.04
N ILE B 79 1.56 -4.99 -3.03
CA ILE B 79 1.70 -6.40 -2.73
C ILE B 79 1.08 -6.67 -1.37
N SER B 80 0.22 -7.68 -1.28
N SER B 80 0.22 -7.67 -1.28
CA SER B 80 -0.42 -8.01 -0.01
CA SER B 80 -0.39 -8.00 0.01
C SER B 80 0.59 -8.59 0.99
C SER B 80 0.62 -8.54 0.98
N GLU B 81 0.35 -8.34 2.27
CA GLU B 81 1.20 -8.89 3.32
C GLU B 81 0.93 -10.38 3.53
N GLY B 82 1.95 -11.10 3.99
CA GLY B 82 1.78 -12.47 4.42
C GLY B 82 1.67 -13.54 3.35
N LEU B 83 2.07 -13.19 2.13
CA LEU B 83 1.95 -14.15 1.02
C LEU B 83 2.88 -15.35 1.18
N GLU B 84 3.89 -15.24 2.03
CA GLU B 84 4.79 -16.35 2.27
C GLU B 84 4.10 -17.49 3.03
N GLU B 85 2.94 -17.19 3.61
CA GLU B 85 2.14 -18.26 4.22
C GLU B 85 1.49 -19.13 3.14
N ALA B 86 1.22 -18.53 1.97
CA ALA B 86 0.58 -19.24 0.86
C ALA B 86 1.60 -19.87 -0.07
N VAL B 87 2.65 -19.13 -0.38
CA VAL B 87 3.65 -19.61 -1.35
C VAL B 87 5.04 -19.55 -0.71
N PRO B 88 5.26 -20.41 0.30
CA PRO B 88 6.49 -20.30 1.09
C PRO B 88 7.77 -20.59 0.33
N ASN B 89 7.67 -21.32 -0.78
CA ASN B 89 8.85 -21.73 -1.52
C ASN B 89 9.16 -20.88 -2.73
N LEU B 90 8.53 -19.71 -2.82
CA LEU B 90 8.77 -18.82 -3.93
C LEU B 90 10.23 -18.41 -3.94
N GLY B 91 10.90 -18.66 -5.06
CA GLY B 91 12.31 -18.35 -5.18
C GLY B 91 12.64 -17.24 -6.15
N SER B 92 11.71 -16.93 -7.04
CA SER B 92 11.93 -15.90 -8.03
CA SER B 92 11.92 -15.93 -8.08
C SER B 92 10.64 -15.15 -8.28
N ILE B 93 10.68 -13.83 -8.18
CA ILE B 93 9.52 -13.03 -8.53
CA ILE B 93 9.52 -12.99 -8.51
C ILE B 93 9.93 -11.96 -9.54
N ILE B 94 9.33 -12.02 -10.72
CA ILE B 94 9.74 -11.17 -11.81
C ILE B 94 8.67 -10.12 -12.05
N LEU B 95 8.92 -8.91 -11.55
CA LEU B 95 7.96 -7.80 -11.57
C LEU B 95 8.33 -6.70 -12.58
N THR B 96 9.17 -7.03 -13.55
CA THR B 96 9.53 -6.11 -14.62
C THR B 96 8.30 -5.43 -15.21
N GLY B 97 8.35 -4.11 -15.35
CA GLY B 97 7.28 -3.38 -15.99
C GLY B 97 5.99 -3.28 -15.18
N ASN B 98 6.16 -2.90 -13.92
CA ASN B 98 5.02 -2.62 -13.07
C ASN B 98 5.10 -1.23 -12.45
N ASN B 99 4.30 -0.98 -11.43
CA ASN B 99 4.20 0.38 -10.89
CA ASN B 99 4.16 0.37 -10.89
C ASN B 99 4.44 0.47 -9.39
N LEU B 100 5.41 -0.29 -8.90
CA LEU B 100 5.76 -0.21 -7.49
C LEU B 100 6.61 1.05 -7.27
N GLN B 101 6.14 1.94 -6.39
CA GLN B 101 6.65 3.31 -6.35
C GLN B 101 7.79 3.56 -5.37
N GLU B 102 7.68 2.98 -4.18
CA GLU B 102 8.59 3.34 -3.09
C GLU B 102 9.20 2.09 -2.47
N LEU B 103 10.34 2.27 -1.82
CA LEU B 103 11.01 1.13 -1.18
C LEU B 103 10.11 0.50 -0.11
N SER B 104 9.34 1.34 0.59
CA SER B 104 8.38 0.85 1.57
C SER B 104 7.31 -0.10 0.98
N ASP B 105 7.06 0.01 -0.32
CA ASP B 105 6.09 -0.88 -0.98
C ASP B 105 6.60 -2.31 -1.14
N LEU B 106 7.89 -2.51 -0.87
CA LEU B 106 8.49 -3.83 -1.02
C LEU B 106 8.53 -4.59 0.30
N GLU B 107 8.19 -3.92 1.41
CA GLU B 107 8.16 -4.58 2.73
C GLU B 107 7.40 -5.92 2.78
N PRO B 108 6.28 -6.03 2.02
CA PRO B 108 5.58 -7.33 2.07
C PRO B 108 6.39 -8.51 1.54
N LEU B 109 7.49 -8.26 0.84
CA LEU B 109 8.28 -9.36 0.31
C LEU B 109 9.30 -9.89 1.31
N VAL B 110 9.54 -9.17 2.40
CA VAL B 110 10.65 -9.56 3.27
CA VAL B 110 10.62 -9.53 3.32
C VAL B 110 10.46 -10.93 3.93
N GLY B 111 9.20 -11.35 4.12
CA GLY B 111 8.91 -12.62 4.78
C GLY B 111 9.23 -13.90 4.02
N PHE B 112 9.50 -13.77 2.72
CA PHE B 112 9.85 -14.93 1.89
C PHE B 112 11.26 -15.41 2.20
N THR B 113 11.38 -16.62 2.72
CA THR B 113 12.68 -17.11 3.19
C THR B 113 13.58 -17.68 2.09
N LYS B 114 13.01 -17.98 0.92
CA LYS B 114 13.79 -18.62 -0.15
C LYS B 114 13.85 -17.76 -1.41
N LEU B 115 13.47 -16.50 -1.26
CA LEU B 115 13.37 -15.60 -2.40
C LEU B 115 14.76 -15.10 -2.83
N GLU B 116 15.32 -15.71 -3.86
CA GLU B 116 16.70 -15.43 -4.25
C GLU B 116 16.81 -14.51 -5.46
N THR B 117 15.74 -14.40 -6.24
CA THR B 117 15.77 -13.57 -7.45
C THR B 117 14.58 -12.63 -7.49
N ILE B 118 14.86 -11.34 -7.69
CA ILE B 118 13.80 -10.34 -7.87
C ILE B 118 14.12 -9.48 -9.08
N SER B 119 13.12 -9.19 -9.92
CA SER B 119 13.27 -8.10 -10.88
C SER B 119 12.24 -7.01 -10.62
N LEU B 120 12.73 -5.78 -10.43
CA LEU B 120 11.90 -4.60 -10.38
C LEU B 120 12.28 -3.62 -11.49
N LEU B 121 12.86 -4.13 -12.57
CA LEU B 121 13.17 -3.31 -13.74
C LEU B 121 11.90 -2.60 -14.21
N ILE B 122 12.06 -1.36 -14.66
CA ILE B 122 10.93 -0.57 -15.13
C ILE B 122 9.79 -0.52 -14.10
N ASN B 123 10.18 -0.33 -12.85
CA ASN B 123 9.28 0.14 -11.79
C ASN B 123 9.94 1.40 -11.21
N PRO B 124 9.13 2.37 -10.76
CA PRO B 124 9.74 3.59 -10.22
C PRO B 124 10.64 3.33 -9.00
N VAL B 125 10.35 2.28 -8.24
CA VAL B 125 11.15 1.99 -7.05
C VAL B 125 12.63 1.75 -7.38
N SER B 126 12.91 1.17 -8.55
CA SER B 126 14.29 0.85 -8.90
C SER B 126 15.09 2.08 -9.32
N THR B 127 14.45 3.25 -9.37
CA THR B 127 15.16 4.48 -9.68
C THR B 127 15.54 5.27 -8.42
N LYS B 128 15.12 4.78 -7.26
CA LYS B 128 15.26 5.54 -6.03
C LYS B 128 16.69 5.50 -5.52
N PRO B 129 17.13 6.56 -4.84
CA PRO B 129 18.50 6.51 -4.32
C PRO B 129 18.62 5.38 -3.30
N ASN B 130 19.81 4.78 -3.23
CA ASN B 130 20.10 3.70 -2.28
C ASN B 130 19.30 2.43 -2.50
N TYR B 131 18.72 2.28 -3.70
CA TYR B 131 17.92 1.09 -4.03
C TYR B 131 18.68 -0.23 -3.83
N ARG B 132 19.82 -0.40 -4.51
CA ARG B 132 20.51 -1.67 -4.40
C ARG B 132 21.02 -1.94 -2.98
N GLU B 133 21.52 -0.89 -2.32
CA GLU B 133 21.97 -0.99 -0.93
C GLU B 133 20.84 -1.42 0.00
N TYR B 134 19.70 -0.74 -0.13
CA TYR B 134 18.54 -1.08 0.67
C TYR B 134 18.11 -2.53 0.45
N MET B 135 18.07 -2.97 -0.80
CA MET B 135 17.66 -4.34 -1.07
C MET B 135 18.62 -5.35 -0.42
N ALA B 136 19.92 -5.10 -0.49
CA ALA B 136 20.89 -6.02 0.11
C ALA B 136 20.70 -6.09 1.63
N TYR B 137 20.41 -4.94 2.23
CA TYR B 137 20.22 -4.80 3.67
C TYR B 137 18.92 -5.45 4.15
N LYS B 138 17.85 -5.23 3.41
CA LYS B 138 16.51 -5.62 3.86
C LYS B 138 16.22 -7.09 3.53
N PHE B 139 16.91 -7.60 2.49
CA PHE B 139 16.67 -8.95 2.00
C PHE B 139 17.98 -9.75 2.04
N PRO B 140 18.34 -10.24 3.23
CA PRO B 140 19.67 -10.87 3.36
C PRO B 140 19.88 -12.15 2.53
N GLN B 141 18.80 -12.76 2.08
CA GLN B 141 18.89 -13.99 1.29
C GLN B 141 18.85 -13.72 -0.22
N LEU B 142 18.61 -12.47 -0.59
CA LEU B 142 18.50 -12.11 -2.02
C LEU B 142 19.85 -12.26 -2.71
N ARG B 143 19.88 -12.95 -3.86
CA ARG B 143 21.12 -13.20 -4.57
C ARG B 143 21.22 -12.47 -5.90
N LEU B 144 20.09 -12.30 -6.58
CA LEU B 144 20.09 -11.68 -7.90
C LEU B 144 19.00 -10.61 -7.96
N LEU B 145 19.41 -9.37 -8.24
CA LEU B 145 18.50 -8.23 -8.26
C LEU B 145 18.63 -7.54 -9.61
N ASP B 146 17.55 -7.55 -10.38
CA ASP B 146 17.55 -6.95 -11.71
C ASP B 146 18.70 -7.48 -12.55
N PHE B 147 18.95 -8.78 -12.36
CA PHE B 147 19.88 -9.56 -13.16
C PHE B 147 21.33 -9.18 -13.00
N ARG B 148 21.62 -8.58 -11.85
CA ARG B 148 23.00 -8.40 -11.37
CA ARG B 148 23.00 -8.40 -11.37
C ARG B 148 23.09 -8.94 -9.96
N LYS B 149 24.19 -9.62 -9.65
CA LYS B 149 24.32 -10.23 -8.33
C LYS B 149 24.36 -9.20 -7.21
N ILE B 150 23.78 -9.57 -6.08
CA ILE B 150 24.15 -8.90 -4.84
C ILE B 150 25.27 -9.73 -4.26
N LYS B 151 26.49 -9.28 -4.48
CA LYS B 151 27.66 -9.95 -3.95
C LYS B 151 27.74 -9.75 -2.43
N GLN B 152 28.30 -10.74 -1.73
CA GLN B 152 28.44 -10.63 -0.28
C GLN B 152 29.14 -9.34 0.14
N LYS B 153 30.10 -8.90 -0.66
CA LYS B 153 30.82 -7.66 -0.34
C LYS B 153 29.92 -6.44 -0.47
N ASP B 154 28.94 -6.51 -1.38
CA ASP B 154 27.94 -5.45 -1.56
C ASP B 154 27.03 -5.39 -0.34
N ARG B 155 26.65 -6.56 0.15
CA ARG B 155 25.77 -6.61 1.31
C ARG B 155 26.48 -6.10 2.56
N GLN B 156 27.73 -6.52 2.73
CA GLN B 156 28.51 -6.02 3.86
C GLN B 156 28.69 -4.51 3.77
N ALA B 157 28.94 -3.99 2.57
CA ALA B 157 29.08 -2.54 2.40
C ALA B 157 27.78 -1.81 2.75
N ALA B 158 26.64 -2.38 2.38
CA ALA B 158 25.33 -1.81 2.67
C ALA B 158 25.09 -1.78 4.17
N GLN B 159 25.40 -2.88 4.83
CA GLN B 159 25.24 -2.99 6.27
C GLN B 159 26.09 -1.96 7.01
N GLU B 160 27.32 -1.75 6.55
CA GLU B 160 28.17 -0.73 7.16
C GLU B 160 27.65 0.67 6.87
N PHE B 161 27.16 0.90 5.66
CA PHE B 161 26.62 2.20 5.28
C PHE B 161 25.43 2.58 6.14
N PHE B 162 24.56 1.62 6.42
CA PHE B 162 23.35 1.90 7.19
C PHE B 162 23.61 2.09 8.68
N ARG B 163 24.86 1.91 9.08
CA ARG B 163 25.24 2.19 10.47
C ARG B 163 25.93 3.55 10.60
N THR B 164 26.23 4.19 9.47
CA THR B 164 26.80 5.53 9.51
C THR B 164 25.69 6.54 9.84
N LYS B 165 26.09 7.74 10.26
CA LYS B 165 25.16 8.85 10.48
C LYS B 165 24.25 9.02 9.26
N GLN B 166 24.86 9.10 8.09
CA GLN B 166 24.11 9.36 6.86
C GLN B 166 23.20 8.20 6.49
N GLY B 167 23.71 6.98 6.63
CA GLY B 167 22.93 5.78 6.38
C GLY B 167 21.72 5.64 7.28
N LYS B 168 21.90 5.86 8.58
CA LYS B 168 20.79 5.77 9.52
C LYS B 168 19.69 6.76 9.17
N ASP B 169 20.08 7.95 8.74
CA ASP B 169 19.12 8.97 8.35
C ASP B 169 18.40 8.52 7.10
N VAL B 170 19.15 7.91 6.18
CA VAL B 170 18.55 7.36 4.96
C VAL B 170 17.47 6.33 5.30
N LEU B 171 17.79 5.38 6.18
CA LEU B 171 16.79 4.39 6.58
C LEU B 171 15.54 5.02 7.17
N LYS B 172 15.72 6.02 8.02
CA LYS B 172 14.59 6.71 8.61
C LYS B 172 13.67 7.35 7.58
N GLU B 173 14.25 7.94 6.54
CA GLU B 173 13.45 8.58 5.51
C GLU B 173 12.73 7.52 4.68
N ILE B 174 13.37 6.37 4.51
CA ILE B 174 12.81 5.29 3.69
C ILE B 174 11.63 4.62 4.38
N LEU C 6 -3.20 34.84 30.51
CA LEU C 6 -4.58 34.62 30.10
C LEU C 6 -4.87 33.35 29.28
N PRO C 7 -3.83 32.64 28.78
CA PRO C 7 -4.20 31.31 28.28
C PRO C 7 -4.75 30.47 29.40
N ASN C 8 -5.73 29.64 29.08
CA ASN C 8 -6.29 28.71 30.04
C ASN C 8 -6.73 27.45 29.29
N GLN C 9 -7.21 26.46 30.02
CA GLN C 9 -7.40 25.13 29.43
C GLN C 9 -8.63 25.03 28.53
N THR C 10 -9.48 26.06 28.55
CA THR C 10 -10.74 26.01 27.83
C THR C 10 -10.76 26.99 26.68
N ILE C 11 -11.03 26.49 25.46
CA ILE C 11 -11.26 27.38 24.32
C ILE C 11 -12.75 27.66 24.14
N TYR C 12 -13.04 28.86 23.67
CA TYR C 12 -14.38 29.31 23.35
C TYR C 12 -14.47 29.49 21.84
N ILE C 13 -15.49 28.89 21.23
CA ILE C 13 -15.67 28.96 19.79
C ILE C 13 -16.99 29.65 19.46
N ASN C 14 -16.94 30.58 18.51
CA ASN C 14 -18.12 31.25 18.01
C ASN C 14 -18.22 31.04 16.50
N ASN C 15 -19.37 31.40 15.93
CA ASN C 15 -19.66 31.23 14.52
C ASN C 15 -19.82 29.78 14.11
N LEU C 16 -20.32 28.96 15.04
CA LEU C 16 -20.62 27.57 14.70
C LEU C 16 -21.96 27.50 13.98
N ASN C 17 -22.06 26.52 13.07
CA ASN C 17 -23.27 26.31 12.29
C ASN C 17 -24.43 25.84 13.18
N GLU C 18 -25.44 26.70 13.34
CA GLU C 18 -26.59 26.39 14.20
C GLU C 18 -27.56 25.38 13.63
N LYS C 19 -27.41 25.04 12.36
CA LYS C 19 -28.28 24.03 11.76
C LYS C 19 -27.87 22.61 12.16
N ILE C 20 -26.68 22.46 12.73
CA ILE C 20 -26.20 21.14 13.10
C ILE C 20 -26.78 20.74 14.45
N LYS C 21 -27.37 19.55 14.53
CA LYS C 21 -27.89 19.04 15.79
C LYS C 21 -26.76 19.00 16.83
N LYS C 22 -27.05 19.35 18.09
CA LYS C 22 -25.99 19.51 19.07
C LYS C 22 -25.24 18.21 19.39
N GLU C 23 -25.93 17.09 19.41
CA GLU C 23 -25.23 15.81 19.63
C GLU C 23 -24.17 15.57 18.55
N GLU C 24 -24.53 15.80 17.29
CA GLU C 24 -23.58 15.66 16.20
C GLU C 24 -22.46 16.70 16.28
N LEU C 25 -22.84 17.94 16.61
CA LEU C 25 -21.86 19.01 16.73
C LEU C 25 -20.78 18.64 17.75
N LYS C 26 -21.21 18.12 18.91
CA LYS C 26 -20.29 17.75 19.96
C LYS C 26 -19.39 16.59 19.54
N LYS C 27 -19.95 15.60 18.85
CA LYS C 27 -19.17 14.46 18.38
C LYS C 27 -18.09 14.93 17.38
N SER C 28 -18.47 15.84 16.49
CA SER C 28 -17.52 16.37 15.51
C SER C 28 -16.47 17.28 16.14
N LEU C 29 -16.88 18.12 17.09
CA LEU C 29 -15.92 18.94 17.82
C LEU C 29 -14.90 18.07 18.56
N TYR C 30 -15.37 16.99 19.18
CA TYR C 30 -14.48 16.07 19.85
C TYR C 30 -13.47 15.50 18.85
N ALA C 31 -13.95 15.06 17.70
CA ALA C 31 -13.05 14.48 16.70
C ALA C 31 -12.00 15.46 16.19
N ILE C 32 -12.43 16.67 15.81
CA ILE C 32 -11.50 17.61 15.20
C ILE C 32 -10.49 18.15 16.24
N PHE C 33 -10.93 18.30 17.49
CA PHE C 33 -10.02 18.83 18.50
C PHE C 33 -9.19 17.76 19.22
N SER C 34 -9.52 16.50 19.00
CA SER C 34 -8.79 15.40 19.65
C SER C 34 -7.32 15.35 19.28
N GLN C 35 -6.95 15.96 18.15
CA GLN C 35 -5.54 15.97 17.74
C GLN C 35 -4.66 16.78 18.69
N PHE C 36 -5.26 17.68 19.48
CA PHE C 36 -4.46 18.59 20.30
C PHE C 36 -4.18 18.14 21.71
N GLY C 37 -4.99 17.23 22.22
CA GLY C 37 -4.84 16.82 23.61
C GLY C 37 -6.04 16.08 24.10
N GLN C 38 -5.98 15.63 25.35
CA GLN C 38 -7.14 15.05 26.02
C GLN C 38 -8.19 16.10 26.28
N ILE C 39 -9.42 15.81 25.87
CA ILE C 39 -10.55 16.69 26.07
C ILE C 39 -11.39 16.19 27.25
N LEU C 40 -11.53 17.05 28.27
CA LEU C 40 -12.27 16.70 29.48
C LEU C 40 -13.78 16.85 29.30
N ASP C 41 -14.21 17.85 28.52
CA ASP C 41 -15.63 18.02 28.23
C ASP C 41 -15.82 19.00 27.09
N ILE C 42 -17.02 18.97 26.52
CA ILE C 42 -17.43 19.90 25.49
C ILE C 42 -18.80 20.41 25.89
N VAL C 43 -19.00 21.73 25.78
CA VAL C 43 -20.26 22.35 26.14
C VAL C 43 -20.82 22.99 24.89
N ALA C 44 -22.01 22.56 24.47
CA ALA C 44 -22.66 23.13 23.30
C ALA C 44 -24.16 22.93 23.43
N LEU C 45 -24.84 23.96 23.93
CA LEU C 45 -26.24 23.82 24.27
C LEU C 45 -27.14 24.52 23.27
N LYS C 46 -28.35 24.01 23.08
CA LYS C 46 -29.31 24.67 22.20
C LYS C 46 -30.09 25.72 22.99
N THR C 47 -29.38 26.78 23.34
CA THR C 47 -29.97 27.92 24.02
C THR C 47 -29.58 29.20 23.28
N LEU C 48 -30.34 30.26 23.49
CA LEU C 48 -29.99 31.53 22.90
C LEU C 48 -28.62 32.00 23.38
N LYS C 49 -28.35 31.85 24.68
CA LYS C 49 -27.07 32.29 25.23
C LYS C 49 -25.87 31.56 24.61
N MET C 50 -26.08 30.35 24.12
CA MET C 50 -24.99 29.57 23.52
CA MET C 50 -24.99 29.58 23.52
C MET C 50 -25.19 29.37 22.02
N ARG C 51 -26.05 30.20 21.43
N ARG C 51 -26.06 30.18 21.41
CA ARG C 51 -26.33 30.10 20.00
CA ARG C 51 -26.38 30.01 20.00
C ARG C 51 -25.03 30.25 19.20
C ARG C 51 -25.16 30.28 19.10
N GLY C 52 -24.75 29.27 18.34
CA GLY C 52 -23.55 29.35 17.51
C GLY C 52 -22.24 29.25 18.28
N GLN C 53 -22.28 28.77 19.52
CA GLN C 53 -21.09 28.74 20.39
C GLN C 53 -20.80 27.41 21.06
N ALA C 54 -19.55 27.21 21.44
CA ALA C 54 -19.18 26.05 22.24
C ALA C 54 -17.94 26.32 23.09
N PHE C 55 -17.80 25.53 24.15
CA PHE C 55 -16.53 25.48 24.87
C PHE C 55 -15.93 24.09 24.72
N VAL C 56 -14.62 24.02 24.51
CA VAL C 56 -13.91 22.75 24.55
C VAL C 56 -12.86 22.81 25.66
N ILE C 57 -12.97 21.92 26.65
CA ILE C 57 -12.12 21.97 27.82
C ILE C 57 -11.04 20.90 27.65
N PHE C 58 -9.79 21.33 27.55
CA PHE C 58 -8.67 20.42 27.45
C PHE C 58 -8.10 20.14 28.84
N LYS C 59 -7.42 19.00 28.99
CA LYS C 59 -6.76 18.68 30.25
C LYS C 59 -5.59 19.65 30.50
N GLU C 60 -4.88 20.01 29.42
CA GLU C 60 -3.67 20.83 29.49
C GLU C 60 -3.79 22.15 28.76
N ILE C 61 -3.30 23.22 29.38
CA ILE C 61 -3.34 24.53 28.77
C ILE C 61 -2.60 24.57 27.42
N GLY C 62 -1.47 23.86 27.33
CA GLY C 62 -0.67 23.84 26.12
C GLY C 62 -1.46 23.31 24.93
N SER C 63 -2.34 22.35 25.20
CA SER C 63 -3.19 21.79 24.16
C SER C 63 -4.19 22.82 23.67
N ALA C 64 -4.77 23.56 24.61
CA ALA C 64 -5.72 24.62 24.26
C ALA C 64 -5.02 25.66 23.39
N SER C 65 -3.80 26.05 23.75
CA SER C 65 -3.06 27.04 22.98
C SER C 65 -2.81 26.57 21.55
N ASN C 66 -2.42 25.31 21.40
CA ASN C 66 -2.15 24.76 20.07
C ASN C 66 -3.42 24.66 19.25
N ALA C 67 -4.53 24.31 19.90
CA ALA C 67 -5.81 24.20 19.22
C ALA C 67 -6.28 25.56 18.73
N LEU C 68 -6.15 26.57 19.57
CA LEU C 68 -6.51 27.92 19.19
C LEU C 68 -5.69 28.39 17.98
N ARG C 69 -4.37 28.27 18.08
CA ARG C 69 -3.51 28.74 17.00
C ARG C 69 -3.79 28.01 15.70
N THR C 70 -3.97 26.70 15.78
CA THR C 70 -4.02 25.87 14.58
C THR C 70 -5.36 25.95 13.86
N MET C 71 -6.44 25.98 14.63
CA MET C 71 -7.78 25.84 14.07
C MET C 71 -8.50 27.15 13.84
N GLN C 72 -7.85 28.26 14.16
CA GLN C 72 -8.43 29.57 13.92
C GLN C 72 -8.88 29.70 12.46
N GLY C 73 -10.16 30.02 12.25
CA GLY C 73 -10.69 30.20 10.91
C GLY C 73 -10.97 28.93 10.10
N PHE C 74 -10.80 27.76 10.71
CA PHE C 74 -11.04 26.51 9.98
C PHE C 74 -12.52 26.40 9.62
N PRO C 75 -12.82 26.02 8.36
CA PRO C 75 -14.20 25.92 7.87
C PRO C 75 -14.94 24.66 8.33
N PHE C 76 -15.49 24.73 9.53
CA PHE C 76 -16.16 23.62 10.19
C PHE C 76 -17.62 23.67 9.79
N TYR C 77 -18.15 22.62 9.13
CA TYR C 77 -19.51 22.66 8.61
C TYR C 77 -19.74 23.96 7.84
N ASP C 78 -18.74 24.31 7.04
CA ASP C 78 -18.75 25.43 6.10
C ASP C 78 -18.72 26.84 6.68
N LYS C 79 -18.48 26.95 7.98
CA LYS C 79 -18.32 28.26 8.61
C LYS C 79 -16.95 28.35 9.29
N PRO C 80 -16.21 29.43 9.03
CA PRO C 80 -14.91 29.59 9.71
C PRO C 80 -15.04 29.77 11.22
N MET C 81 -14.37 28.90 11.99
CA MET C 81 -14.42 29.00 13.43
C MET C 81 -13.73 30.25 13.95
N GLN C 82 -14.32 30.88 14.97
CA GLN C 82 -13.73 32.02 15.64
C GLN C 82 -13.38 31.55 17.02
N ILE C 83 -12.10 31.39 17.30
CA ILE C 83 -11.67 30.78 18.57
C ILE C 83 -10.94 31.78 19.46
N ALA C 84 -11.19 31.67 20.76
CA ALA C 84 -10.48 32.45 21.77
C ALA C 84 -10.31 31.60 23.01
N TYR C 85 -9.46 32.02 23.93
CA TYR C 85 -9.47 31.40 25.23
C TYR C 85 -10.75 31.83 25.92
N SER C 86 -11.31 30.96 26.75
CA SER C 86 -12.46 31.36 27.55
C SER C 86 -12.05 32.54 28.43
N LYS C 87 -13.00 33.44 28.67
CA LYS C 87 -12.74 34.66 29.45
C LYS C 87 -12.43 34.37 30.90
N SER C 88 -13.20 33.45 31.47
CA SER C 88 -13.04 33.06 32.87
C SER C 88 -13.94 31.89 33.12
N ASP C 89 -13.68 31.17 34.21
CA ASP C 89 -14.55 30.07 34.55
C ASP C 89 -15.93 30.62 34.93
N SER C 90 -15.96 31.78 35.60
CA SER C 90 -17.25 32.38 35.91
C SER C 90 -18.04 32.76 34.64
N ASP C 91 -17.36 33.14 33.57
CA ASP C 91 -18.05 33.40 32.30
C ASP C 91 -18.66 32.13 31.73
N ILE C 92 -17.93 31.02 31.81
CA ILE C 92 -18.46 29.74 31.37
C ILE C 92 -19.72 29.39 32.14
N VAL C 93 -19.66 29.52 33.47
CA VAL C 93 -20.81 29.22 34.30
C VAL C 93 -22.02 30.09 33.92
N ALA C 94 -21.79 31.37 33.69
CA ALA C 94 -22.86 32.29 33.32
C ALA C 94 -23.47 31.96 31.97
N LYS C 95 -22.64 31.48 31.05
CA LYS C 95 -23.11 31.08 29.73
C LYS C 95 -24.04 29.87 29.78
N ILE C 96 -23.75 28.89 30.63
CA ILE C 96 -24.58 27.69 30.63
C ILE C 96 -25.83 27.84 31.50
N LYS C 97 -25.80 28.76 32.45
CA LYS C 97 -27.01 29.11 33.20
C LYS C 97 -28.06 29.71 32.27
N MET D 5 20.41 -7.08 -41.26
CA MET D 5 20.09 -8.43 -40.84
C MET D 5 18.60 -8.62 -40.64
N LEU D 6 18.01 -9.57 -41.36
CA LEU D 6 16.56 -9.78 -41.31
C LEU D 6 16.13 -10.46 -40.02
N PRO D 7 15.08 -9.94 -39.38
CA PRO D 7 14.58 -10.52 -38.13
C PRO D 7 14.13 -11.96 -38.28
N ASN D 8 14.43 -12.77 -37.27
CA ASN D 8 13.86 -14.10 -37.18
C ASN D 8 13.64 -14.43 -35.70
N GLN D 9 13.04 -15.58 -35.42
CA GLN D 9 12.53 -15.84 -34.07
C GLN D 9 13.62 -16.17 -33.06
N THR D 10 14.86 -16.33 -33.52
CA THR D 10 15.93 -16.74 -32.61
C THR D 10 16.96 -15.62 -32.49
N ILE D 11 17.23 -15.18 -31.25
CA ILE D 11 18.32 -14.27 -31.03
C ILE D 11 19.57 -15.00 -30.56
N TYR D 12 20.71 -14.46 -30.95
CA TYR D 12 22.03 -15.01 -30.62
C TYR D 12 22.73 -13.99 -29.75
N ILE D 13 23.12 -14.41 -28.56
CA ILE D 13 23.72 -13.50 -27.59
C ILE D 13 25.16 -13.92 -27.34
N ASN D 14 26.08 -12.97 -27.37
CA ASN D 14 27.39 -13.26 -26.80
C ASN D 14 27.83 -12.19 -25.82
N ASN D 15 29.08 -12.32 -25.38
CA ASN D 15 29.61 -11.54 -24.26
C ASN D 15 28.91 -11.87 -22.96
N LEU D 16 28.41 -13.09 -22.82
CA LEU D 16 27.80 -13.51 -21.55
C LEU D 16 28.87 -13.85 -20.54
N ASN D 17 28.56 -13.62 -19.28
CA ASN D 17 29.48 -13.86 -18.16
C ASN D 17 29.83 -15.34 -18.03
N GLU D 18 31.08 -15.67 -18.30
CA GLU D 18 31.51 -17.06 -18.35
C GLU D 18 31.67 -17.71 -16.98
N LYS D 19 31.51 -16.92 -15.91
CA LYS D 19 31.65 -17.45 -14.55
C LYS D 19 30.36 -18.06 -14.02
N ILE D 20 29.26 -17.83 -14.73
CA ILE D 20 27.95 -18.31 -14.28
C ILE D 20 27.70 -19.73 -14.79
N LYS D 21 27.30 -20.62 -13.88
CA LYS D 21 26.93 -21.98 -14.25
C LYS D 21 25.75 -21.99 -15.21
N LYS D 22 25.73 -22.94 -16.14
CA LYS D 22 24.74 -22.90 -17.22
C LYS D 22 23.29 -23.04 -16.76
N GLU D 23 23.06 -23.89 -15.76
CA GLU D 23 21.70 -24.04 -15.25
C GLU D 23 21.17 -22.69 -14.77
N GLU D 24 21.98 -21.98 -13.97
CA GLU D 24 21.58 -20.65 -13.50
C GLU D 24 21.50 -19.63 -14.63
N LEU D 25 22.48 -19.65 -15.54
CA LEU D 25 22.44 -18.72 -16.67
C LEU D 25 21.14 -18.88 -17.46
N LYS D 26 20.75 -20.13 -17.74
CA LYS D 26 19.51 -20.39 -18.47
C LYS D 26 18.27 -19.91 -17.71
N LYS D 27 18.22 -20.16 -16.40
CA LYS D 27 17.09 -19.69 -15.60
C LYS D 27 16.98 -18.18 -15.63
N SER D 28 18.12 -17.50 -15.55
CA SER D 28 18.12 -16.04 -15.57
C SER D 28 17.81 -15.49 -16.96
N LEU D 29 18.31 -16.13 -18.02
CA LEU D 29 17.94 -15.73 -19.36
C LEU D 29 16.42 -15.87 -19.60
N TYR D 30 15.86 -16.97 -19.13
CA TYR D 30 14.42 -17.18 -19.25
C TYR D 30 13.67 -16.05 -18.57
N ALA D 31 14.08 -15.73 -17.35
CA ALA D 31 13.41 -14.68 -16.60
C ALA D 31 13.49 -13.31 -17.26
N ILE D 32 14.68 -12.91 -17.68
CA ILE D 32 14.83 -11.56 -18.24
C ILE D 32 14.17 -11.44 -19.62
N PHE D 33 14.16 -12.51 -20.40
CA PHE D 33 13.57 -12.43 -21.73
C PHE D 33 12.09 -12.77 -21.75
N SER D 34 11.56 -13.27 -20.62
CA SER D 34 10.14 -13.63 -20.56
C SER D 34 9.20 -12.43 -20.75
N GLN D 35 9.71 -11.22 -20.53
CA GLN D 35 8.90 -10.03 -20.72
C GLN D 35 8.51 -9.81 -22.19
N PHE D 36 9.24 -10.43 -23.13
CA PHE D 36 9.02 -10.15 -24.55
C PHE D 36 8.09 -11.09 -25.29
N GLY D 37 7.93 -12.30 -24.78
CA GLY D 37 7.10 -13.27 -25.46
C GLY D 37 7.32 -14.66 -24.91
N GLN D 38 6.57 -15.61 -25.44
CA GLN D 38 6.79 -17.02 -25.12
C GLN D 38 8.14 -17.44 -25.68
N ILE D 39 8.90 -18.15 -24.86
CA ILE D 39 10.19 -18.68 -25.25
C ILE D 39 10.07 -20.18 -25.44
N LEU D 40 10.41 -20.64 -26.65
CA LEU D 40 10.31 -22.07 -26.98
C LEU D 40 11.50 -22.87 -26.47
N ASP D 41 12.69 -22.28 -26.49
CA ASP D 41 13.86 -22.94 -25.92
C ASP D 41 15.01 -21.97 -25.69
N ILE D 42 15.96 -22.39 -24.87
CA ILE D 42 17.19 -21.64 -24.66
C ILE D 42 18.34 -22.64 -24.78
N VAL D 43 19.35 -22.28 -25.55
CA VAL D 43 20.52 -23.13 -25.69
C VAL D 43 21.74 -22.38 -25.19
N ALA D 44 22.42 -22.96 -24.19
CA ALA D 44 23.64 -22.36 -23.65
C ALA D 44 24.56 -23.47 -23.15
N LEU D 45 25.36 -24.03 -24.07
CA LEU D 45 26.22 -25.16 -23.75
C LEU D 45 27.56 -24.74 -23.14
N LYS D 46 28.14 -25.61 -22.33
N LYS D 46 28.11 -25.59 -22.28
CA LYS D 46 29.42 -25.35 -21.69
CA LYS D 46 29.43 -25.37 -21.72
C LYS D 46 30.57 -25.91 -22.56
C LYS D 46 30.47 -26.04 -22.62
N THR D 47 30.59 -25.52 -23.83
CA THR D 47 31.57 -26.02 -24.79
C THR D 47 32.36 -24.84 -25.37
N LEU D 48 33.48 -25.15 -26.01
CA LEU D 48 34.30 -24.12 -26.65
C LEU D 48 33.52 -23.32 -27.69
N LYS D 49 32.73 -24.01 -28.51
CA LYS D 49 31.97 -23.34 -29.56
C LYS D 49 30.91 -22.39 -29.01
N MET D 50 30.42 -22.64 -27.80
CA MET D 50 29.37 -21.80 -27.23
C MET D 50 29.82 -20.99 -26.02
N ARG D 51 31.14 -20.86 -25.85
CA ARG D 51 31.68 -20.14 -24.72
C ARG D 51 31.19 -18.69 -24.71
N GLY D 52 30.51 -18.30 -23.64
CA GLY D 52 29.97 -16.96 -23.50
C GLY D 52 28.82 -16.63 -24.44
N GLN D 53 28.17 -17.66 -24.98
CA GLN D 53 27.13 -17.47 -25.97
C GLN D 53 25.85 -18.22 -25.65
N ALA D 54 24.73 -17.76 -26.20
CA ALA D 54 23.46 -18.43 -26.02
C ALA D 54 22.51 -18.12 -27.17
N PHE D 55 21.55 -19.01 -27.39
CA PHE D 55 20.44 -18.76 -28.30
C PHE D 55 19.17 -18.73 -27.47
N VAL D 56 18.32 -17.75 -27.74
CA VAL D 56 16.98 -17.73 -27.15
C VAL D 56 15.99 -17.76 -28.30
N ILE D 57 15.17 -18.80 -28.35
CA ILE D 57 14.21 -19.01 -29.44
C ILE D 57 12.84 -18.59 -28.96
N PHE D 58 12.29 -17.55 -29.58
CA PHE D 58 10.94 -17.10 -29.26
C PHE D 58 9.93 -17.75 -30.16
N LYS D 59 8.68 -17.84 -29.71
CA LYS D 59 7.61 -18.32 -30.56
C LYS D 59 7.33 -17.37 -31.74
N GLU D 60 7.39 -16.06 -31.47
CA GLU D 60 7.07 -15.04 -32.46
C GLU D 60 8.28 -14.19 -32.84
N ILE D 61 8.43 -13.93 -34.14
CA ILE D 61 9.50 -13.04 -34.62
C ILE D 61 9.40 -11.64 -33.99
N GLY D 62 8.19 -11.11 -33.86
CA GLY D 62 8.01 -9.78 -33.28
C GLY D 62 8.55 -9.69 -31.86
N SER D 63 8.44 -10.80 -31.15
CA SER D 63 8.94 -10.86 -29.77
C SER D 63 10.45 -10.88 -29.73
N ALA D 64 11.06 -11.65 -30.63
CA ALA D 64 12.51 -11.66 -30.78
C ALA D 64 13.01 -10.26 -31.09
N SER D 65 12.33 -9.56 -31.99
CA SER D 65 12.74 -8.23 -32.39
CA SER D 65 12.75 -8.22 -32.39
C SER D 65 12.72 -7.28 -31.20
N ASN D 66 11.65 -7.32 -30.43
CA ASN D 66 11.56 -6.44 -29.27
C ASN D 66 12.65 -6.79 -28.24
N ALA D 67 12.91 -8.08 -28.06
CA ALA D 67 13.94 -8.53 -27.14
C ALA D 67 15.32 -8.01 -27.53
N LEU D 68 15.63 -8.13 -28.81
CA LEU D 68 16.92 -7.67 -29.32
CA LEU D 68 16.91 -7.66 -29.36
C LEU D 68 17.10 -6.17 -29.11
N ARG D 69 16.11 -5.39 -29.54
CA ARG D 69 16.24 -3.93 -29.50
C ARG D 69 16.27 -3.40 -28.08
N THR D 70 15.48 -4.01 -27.21
CA THR D 70 15.34 -3.53 -25.83
C THR D 70 16.53 -3.92 -24.97
N MET D 71 17.03 -5.14 -25.14
CA MET D 71 18.05 -5.68 -24.25
C MET D 71 19.49 -5.52 -24.72
N GLN D 72 19.66 -4.96 -25.92
CA GLN D 72 20.99 -4.72 -26.46
C GLN D 72 21.81 -3.91 -25.46
N GLY D 73 22.96 -4.46 -25.06
CA GLY D 73 23.83 -3.77 -24.11
C GLY D 73 23.48 -3.85 -22.64
N PHE D 74 22.39 -4.53 -22.30
CA PHE D 74 21.99 -4.64 -20.90
C PHE D 74 23.07 -5.37 -20.09
N PRO D 75 23.45 -4.85 -18.92
CA PRO D 75 24.56 -5.42 -18.14
C PRO D 75 24.15 -6.66 -17.34
N PHE D 76 23.86 -7.74 -18.04
CA PHE D 76 23.44 -9.01 -17.47
C PHE D 76 24.62 -9.62 -16.72
N TYR D 77 24.46 -9.89 -15.42
CA TYR D 77 25.59 -10.31 -14.61
C TYR D 77 26.81 -9.42 -14.84
N ASP D 78 26.55 -8.12 -14.99
CA ASP D 78 27.56 -7.07 -15.07
C ASP D 78 28.39 -7.06 -16.36
N LYS D 79 27.89 -7.74 -17.40
CA LYS D 79 28.52 -7.69 -18.72
C LYS D 79 27.47 -7.30 -19.75
N PRO D 80 27.76 -6.28 -20.57
CA PRO D 80 26.80 -5.82 -21.59
C PRO D 80 26.50 -6.91 -22.63
N MET D 81 25.22 -7.26 -22.77
CA MET D 81 24.84 -8.28 -23.76
C MET D 81 25.03 -7.76 -25.18
N GLN D 82 25.56 -8.61 -26.06
CA GLN D 82 25.70 -8.31 -27.47
C GLN D 82 24.75 -9.24 -28.23
N ILE D 83 23.70 -8.66 -28.80
CA ILE D 83 22.63 -9.47 -29.35
C ILE D 83 22.49 -9.27 -30.86
N ALA D 84 22.31 -10.37 -31.58
CA ALA D 84 22.06 -10.36 -33.02
C ALA D 84 20.97 -11.39 -33.34
N TYR D 85 20.31 -11.24 -34.48
CA TYR D 85 19.44 -12.31 -34.93
C TYR D 85 20.34 -13.45 -35.36
N SER D 86 19.87 -14.67 -35.18
CA SER D 86 20.63 -15.84 -35.63
C SER D 86 20.85 -15.75 -37.12
N LYS D 87 22.00 -16.23 -37.57
CA LYS D 87 22.39 -16.09 -38.97
C LYS D 87 21.53 -16.95 -39.88
N SER D 88 21.24 -18.17 -39.42
CA SER D 88 20.39 -19.10 -40.15
C SER D 88 20.18 -20.29 -39.22
N ASP D 89 19.19 -21.12 -39.51
CA ASP D 89 18.98 -22.30 -38.68
C ASP D 89 20.18 -23.22 -38.81
N SER D 90 20.76 -23.29 -40.01
CA SER D 90 21.94 -24.12 -40.23
C SER D 90 23.13 -23.67 -39.37
N ASP D 91 23.28 -22.36 -39.20
CA ASP D 91 24.33 -21.83 -38.33
C ASP D 91 24.08 -22.19 -36.88
N ILE D 92 22.82 -22.19 -36.46
CA ILE D 92 22.46 -22.60 -35.12
C ILE D 92 22.86 -24.07 -34.90
N VAL D 93 22.49 -24.95 -35.83
CA VAL D 93 22.83 -26.36 -35.71
C VAL D 93 24.36 -26.56 -35.64
N ALA D 94 25.09 -25.82 -36.46
CA ALA D 94 26.54 -25.94 -36.49
C ALA D 94 27.18 -25.46 -35.18
N LYS D 95 26.60 -24.42 -34.59
CA LYS D 95 27.12 -23.90 -33.33
C LYS D 95 26.97 -24.94 -32.22
N ILE D 96 25.84 -25.63 -32.21
CA ILE D 96 25.52 -26.60 -31.14
C ILE D 96 26.47 -27.78 -31.14
O28 15P E . 9.46 3.80 28.89
C57 15P E . 8.32 4.62 28.73
C58 15P E . 8.09 5.10 27.26
O29 15P E . 7.14 6.21 27.38
C59 15P E . 6.61 6.78 26.16
C60 15P E . 7.78 7.37 25.46
O30 15P E . 7.40 8.10 24.27
C61 15P E . 8.46 8.79 23.67
C62 15P E . 9.50 7.73 23.21
O31 15P E . 10.69 8.32 22.69
C63 15P E . 11.73 7.32 22.33
C64 15P E . 12.10 6.50 23.56
O32 15P E . 13.13 5.55 23.26
C65 15P E . 13.43 4.64 24.33
C66 15P E . 12.22 3.76 24.63
O33 15P E . 12.52 2.70 25.55
C67 15P E . 12.05 2.93 26.92
C68 15P E . 13.12 3.69 27.73
O34 15P E . 13.13 3.24 29.08
CM 15P E . 14.42 2.98 29.58
S SO4 F . -3.00 -6.33 2.99
O1 SO4 F . -3.86 -5.20 2.72
O2 SO4 F . -1.65 -6.10 2.51
O3 SO4 F . -3.55 -7.50 2.32
O4 SO4 F . -2.95 -6.53 4.43
S SO4 G . -6.97 1.43 -20.80
O1 SO4 G . -6.53 0.73 -22.00
O2 SO4 G . -6.48 2.80 -20.82
O3 SO4 G . -6.43 0.73 -19.63
O4 SO4 G . -8.44 1.44 -20.73
S SO4 H . -28.18 18.55 2.40
O1 SO4 H . -27.26 19.19 3.33
O2 SO4 H . -28.27 19.35 1.17
O3 SO4 H . -29.51 18.43 3.01
O4 SO4 H . -27.68 17.23 2.06
O28 15P I . -10.48 -11.51 -24.21
C57 15P I . -9.26 -11.96 -24.78
C58 15P I . -8.10 -11.19 -24.09
O29 15P I . -8.27 -9.79 -24.41
C59 15P I . -7.17 -8.97 -23.96
C60 15P I . -7.37 -7.57 -24.40
O30 15P I . -8.61 -7.08 -23.82
C61 15P I . -8.95 -5.83 -24.36
C62 15P I . -10.19 -5.25 -23.58
O31 15P I . -11.32 -6.04 -23.93
C63 15P I . -12.59 -5.52 -23.41
C64 15P I . -13.69 -6.56 -23.71
O32 15P I . -13.42 -7.71 -22.92
C65 15P I . -14.32 -8.82 -23.16
C66 15P I . -13.69 -9.79 -24.17
O33 15P I . -14.20 -9.52 -25.49
C67 15P I . -15.38 -10.31 -25.83
C68 15P I . -16.64 -9.42 -25.74
O34 15P I . -17.49 -9.92 -24.70
CM 15P I . -17.89 -8.94 -23.77
O16 15P J . -14.95 -20.11 -20.98
C33 15P J . -13.69 -19.51 -20.67
C34 15P J . -12.79 -19.53 -21.92
O17 15P J . -11.51 -18.96 -21.59
C35 15P J . -11.34 -17.61 -22.01
C36 15P J . -10.75 -17.58 -23.43
O18 15P J . -11.43 -16.60 -24.20
C37 15P J . -10.58 -15.84 -25.06
S SO4 K . 13.31 9.41 15.15
O1 SO4 K . 14.49 8.61 15.47
O2 SO4 K . 13.62 10.32 14.05
O3 SO4 K . 12.22 8.52 14.75
O4 SO4 K . 12.90 10.18 16.31
O30 15P L . 8.41 -31.51 -26.85
C61 15P L . 8.85 -30.47 -27.68
C62 15P L . 8.81 -29.10 -26.89
O31 15P L . 9.56 -28.14 -27.60
C63 15P L . 10.40 -27.28 -26.73
C64 15P L . 11.35 -28.15 -25.93
O32 15P L . 12.38 -27.33 -25.38
C65 15P L . 13.15 -27.97 -24.35
C66 15P L . 12.25 -28.32 -23.17
#